data_8CTK
#
_entry.id   8CTK
#
_cell.length_a   1.00
_cell.length_b   1.00
_cell.length_c   1.00
_cell.angle_alpha   90.00
_cell.angle_beta   90.00
_cell.angle_gamma   90.00
#
_symmetry.space_group_name_H-M   'P 1'
#
_entity_poly.entity_id   1
_entity_poly.type   'polypeptide(L)'
_entity_poly.pdbx_seq_one_letter_code
;MADSNGTITVEELKKLLEQWNLVIGFLFLTWICLLQFAYANRNRFLYIIKLIFLWLLWPVTLACFVLAAVYRINWITGGI
AIAMACLVGLMWLSYFIASFRLFARTRSMWSFNPETNILLNVPLHGTILTRPLLESELVIGAVILRGHLRIAGHHLGRCD
IKDLPKEITVATSRTLSYYKLGASQRVAGDSGFAAYSRYRIGNYKLNTDHSSSSDNIALLVQSNSLEVLFQ
;
_entity_poly.pdbx_strand_id   A,B
#
# COMPACT_ATOMS: atom_id res chain seq x y z
N LEU A 17 -14.31 28.00 13.12
CA LEU A 17 -13.16 27.40 12.46
C LEU A 17 -13.09 25.90 12.79
N GLU A 18 -13.88 25.49 13.78
CA GLU A 18 -13.92 24.09 14.18
C GLU A 18 -14.57 23.19 13.14
N GLN A 19 -15.26 23.77 12.15
CA GLN A 19 -15.84 22.95 11.08
C GLN A 19 -14.75 22.25 10.27
N TRP A 20 -13.65 22.94 9.99
CA TRP A 20 -12.54 22.31 9.29
C TRP A 20 -11.91 21.20 10.14
N ASN A 21 -11.82 21.41 11.46
CA ASN A 21 -11.32 20.37 12.34
C ASN A 21 -12.22 19.15 12.32
N LEU A 22 -13.53 19.36 12.34
CA LEU A 22 -14.45 18.23 12.26
C LEU A 22 -14.40 17.56 10.89
N VAL A 23 -14.11 18.32 9.84
CA VAL A 23 -13.95 17.75 8.51
C VAL A 23 -12.73 16.85 8.46
N ILE A 24 -11.61 17.32 9.02
CA ILE A 24 -10.41 16.48 9.03
C ILE A 24 -10.62 15.28 9.97
N GLY A 25 -11.45 15.43 11.00
CA GLY A 25 -11.80 14.29 11.84
C GLY A 25 -12.61 13.26 11.09
N PHE A 26 -13.57 13.71 10.27
CA PHE A 26 -14.33 12.80 9.43
C PHE A 26 -13.42 12.07 8.45
N LEU A 27 -12.49 12.82 7.84
CA LEU A 27 -11.56 12.24 6.88
C LEU A 27 -10.70 11.17 7.53
N PHE A 28 -10.14 11.48 8.71
CA PHE A 28 -9.30 10.51 9.41
C PHE A 28 -10.11 9.30 9.86
N LEU A 29 -11.32 9.52 10.36
CA LEU A 29 -12.15 8.40 10.83
C LEU A 29 -12.49 7.46 9.68
N THR A 30 -12.91 8.01 8.54
CA THR A 30 -13.26 7.14 7.43
C THR A 30 -12.04 6.48 6.81
N TRP A 31 -10.86 7.13 6.90
CA TRP A 31 -9.66 6.54 6.34
C TRP A 31 -9.20 5.38 7.22
N ILE A 32 -9.33 5.53 8.53
CA ILE A 32 -9.09 4.43 9.47
C ILE A 32 -10.09 3.30 9.23
N CYS A 33 -11.37 3.65 9.02
CA CYS A 33 -12.37 2.65 8.68
C CYS A 33 -12.05 1.93 7.38
N LEU A 34 -11.30 2.59 6.49
CA LEU A 34 -10.89 1.95 5.25
C LEU A 34 -9.89 0.82 5.45
N LEU A 35 -9.24 0.76 6.61
CA LEU A 35 -8.15 -0.18 6.84
C LEU A 35 -8.60 -1.50 7.47
N GLN A 36 -9.90 -1.81 7.42
CA GLN A 36 -10.38 -3.08 7.93
C GLN A 36 -11.10 -3.93 6.89
N PHE A 37 -11.68 -3.31 5.86
CA PHE A 37 -12.41 -4.05 4.84
C PHE A 37 -11.80 -3.92 3.46
N ALA A 38 -11.53 -2.69 3.01
CA ALA A 38 -11.07 -2.48 1.64
C ALA A 38 -9.64 -2.94 1.41
N TYR A 39 -8.83 -3.09 2.46
CA TYR A 39 -7.46 -3.52 2.27
C TYR A 39 -7.39 -5.00 1.88
N ALA A 40 -8.33 -5.82 2.34
CA ALA A 40 -8.35 -7.24 2.01
C ALA A 40 -9.16 -7.48 0.74
N ASN A 41 -10.44 -7.09 0.77
CA ASN A 41 -11.31 -7.23 -0.41
C ASN A 41 -11.08 -6.03 -1.31
N ARG A 42 -10.48 -6.27 -2.48
CA ARG A 42 -10.11 -5.21 -3.41
C ARG A 42 -11.22 -5.05 -4.44
N ASN A 43 -11.94 -3.94 -4.35
CA ASN A 43 -12.98 -3.58 -5.30
C ASN A 43 -12.56 -2.35 -6.08
N ARG A 44 -12.93 -2.30 -7.35
CA ARG A 44 -12.53 -1.19 -8.20
C ARG A 44 -13.13 0.13 -7.72
N PHE A 45 -14.38 0.11 -7.27
CA PHE A 45 -15.00 1.31 -6.72
C PHE A 45 -14.26 1.78 -5.47
N LEU A 46 -13.95 0.84 -4.56
CA LEU A 46 -13.22 1.21 -3.36
C LEU A 46 -11.81 1.68 -3.68
N TYR A 47 -11.16 1.04 -4.65
CA TYR A 47 -9.82 1.47 -5.05
C TYR A 47 -9.82 2.87 -5.63
N ILE A 48 -10.79 3.19 -6.49
CA ILE A 48 -10.81 4.52 -7.08
C ILE A 48 -11.22 5.56 -6.04
N ILE A 49 -12.06 5.17 -5.07
CA ILE A 49 -12.39 6.08 -3.97
C ILE A 49 -11.14 6.39 -3.16
N LYS A 50 -10.35 5.36 -2.84
CA LYS A 50 -9.10 5.58 -2.11
C LYS A 50 -8.13 6.42 -2.92
N LEU A 51 -8.12 6.23 -4.25
CA LEU A 51 -7.20 6.97 -5.10
C LEU A 51 -7.54 8.46 -5.14
N ILE A 52 -8.81 8.80 -5.37
CA ILE A 52 -9.19 10.21 -5.40
C ILE A 52 -9.07 10.80 -3.99
N PHE A 53 -9.26 9.96 -2.97
CA PHE A 53 -9.11 10.39 -1.58
C PHE A 53 -7.66 10.73 -1.25
N LEU A 54 -6.71 9.97 -1.79
CA LEU A 54 -5.30 10.33 -1.65
C LEU A 54 -4.95 11.53 -2.51
N TRP A 55 -5.65 11.73 -3.63
CA TRP A 55 -5.38 12.89 -4.46
C TRP A 55 -5.81 14.19 -3.78
N LEU A 56 -6.83 14.14 -2.92
CA LEU A 56 -7.29 15.32 -2.22
C LEU A 56 -6.47 15.62 -0.97
N LEU A 57 -5.46 14.80 -0.67
CA LEU A 57 -4.57 15.08 0.45
C LEU A 57 -3.68 16.30 0.16
N TRP A 58 -3.28 16.48 -1.10
CA TRP A 58 -2.44 17.63 -1.45
C TRP A 58 -3.16 18.95 -1.23
N PRO A 59 -4.40 19.18 -1.72
CA PRO A 59 -5.05 20.45 -1.43
C PRO A 59 -5.36 20.68 0.04
N VAL A 60 -5.64 19.63 0.82
CA VAL A 60 -5.90 19.87 2.24
C VAL A 60 -4.60 20.17 2.99
N THR A 61 -3.48 19.60 2.55
CA THR A 61 -2.19 20.02 3.08
C THR A 61 -1.91 21.48 2.77
N LEU A 62 -2.16 21.89 1.52
CA LEU A 62 -1.98 23.28 1.15
C LEU A 62 -2.91 24.19 1.94
N ALA A 63 -4.14 23.72 2.21
CA ALA A 63 -5.10 24.50 3.00
C ALA A 63 -4.65 24.64 4.44
N CYS A 64 -4.08 23.58 5.02
CA CYS A 64 -3.54 23.67 6.38
C CYS A 64 -2.41 24.68 6.44
N PHE A 65 -1.50 24.65 5.46
CA PHE A 65 -0.43 25.64 5.44
C PHE A 65 -0.98 27.05 5.21
N VAL A 66 -2.03 27.19 4.39
CA VAL A 66 -2.60 28.50 4.12
C VAL A 66 -3.23 29.08 5.38
N LEU A 67 -4.01 28.27 6.11
CA LEU A 67 -4.61 28.76 7.34
C LEU A 67 -3.57 28.98 8.43
N ALA A 68 -2.43 28.29 8.35
CA ALA A 68 -1.33 28.60 9.26
C ALA A 68 -0.68 29.94 8.91
N ALA A 69 -0.64 30.29 7.62
CA ALA A 69 0.02 31.52 7.19
C ALA A 69 -0.89 32.74 7.22
N VAL A 70 -2.21 32.56 7.26
CA VAL A 70 -3.12 33.70 7.24
C VAL A 70 -3.04 34.48 8.56
N TYR A 71 -2.88 33.77 9.67
CA TYR A 71 -2.88 34.38 11.00
C TYR A 71 -1.48 34.72 11.48
N ARG A 72 -0.62 35.13 10.54
CA ARG A 72 0.76 35.49 10.86
C ARG A 72 0.81 36.66 11.84
N ILE A 73 1.46 36.43 12.98
CA ILE A 73 1.71 37.48 13.96
C ILE A 73 3.22 37.69 14.04
N ASN A 74 3.95 36.61 14.28
CA ASN A 74 5.40 36.61 14.20
C ASN A 74 5.85 36.22 12.79
N TRP A 75 7.08 36.57 12.47
CA TRP A 75 7.57 36.40 11.10
C TRP A 75 8.37 35.11 10.89
N ILE A 76 8.90 34.51 11.96
CA ILE A 76 9.73 33.32 11.80
C ILE A 76 8.89 32.12 11.38
N THR A 77 7.89 31.78 12.19
CA THR A 77 7.02 30.66 11.87
C THR A 77 6.21 30.94 10.61
N GLY A 78 5.77 32.17 10.41
CA GLY A 78 5.05 32.52 9.19
C GLY A 78 5.91 32.34 7.95
N GLY A 79 7.17 32.78 8.02
CA GLY A 79 8.07 32.59 6.90
C GLY A 79 8.38 31.13 6.63
N ILE A 80 8.54 30.33 7.69
CA ILE A 80 8.75 28.89 7.51
C ILE A 80 7.56 28.26 6.83
N ALA A 81 6.35 28.59 7.29
CA ALA A 81 5.14 28.03 6.68
C ALA A 81 4.97 28.48 5.25
N ILE A 82 5.30 29.75 4.95
CA ILE A 82 5.18 30.24 3.58
C ILE A 82 6.17 29.53 2.66
N ALA A 83 7.42 29.37 3.11
CA ALA A 83 8.42 28.67 2.31
C ALA A 83 8.03 27.21 2.06
N MET A 84 7.54 26.54 3.10
CA MET A 84 7.16 25.13 2.92
C MET A 84 5.91 24.99 2.05
N ALA A 85 4.97 25.92 2.16
CA ALA A 85 3.82 25.91 1.26
C ALA A 85 4.24 26.13 -0.18
N CYS A 86 5.19 27.05 -0.40
CA CYS A 86 5.71 27.26 -1.75
C CYS A 86 6.39 26.01 -2.28
N LEU A 87 7.18 25.34 -1.44
CA LEU A 87 7.86 24.12 -1.89
C LEU A 87 6.87 23.01 -2.22
N VAL A 88 5.86 22.81 -1.36
CA VAL A 88 4.91 21.73 -1.62
C VAL A 88 4.05 22.04 -2.83
N GLY A 89 3.71 23.32 -3.05
CA GLY A 89 2.99 23.68 -4.26
C GLY A 89 3.82 23.50 -5.51
N LEU A 90 5.11 23.84 -5.43
CA LEU A 90 6.00 23.65 -6.58
C LEU A 90 6.13 22.18 -6.93
N MET A 91 6.27 21.32 -5.93
CA MET A 91 6.39 19.90 -6.22
C MET A 91 5.06 19.29 -6.65
N TRP A 92 3.94 19.84 -6.17
CA TRP A 92 2.64 19.40 -6.67
C TRP A 92 2.45 19.76 -8.14
N LEU A 93 2.88 20.97 -8.53
CA LEU A 93 2.81 21.33 -9.95
C LEU A 93 3.79 20.52 -10.78
N SER A 94 4.94 20.14 -10.20
CA SER A 94 5.84 19.21 -10.89
C SER A 94 5.16 17.87 -11.13
N TYR A 95 4.42 17.37 -10.13
CA TYR A 95 3.67 16.13 -10.31
C TYR A 95 2.59 16.30 -11.38
N PHE A 96 1.92 17.45 -11.39
CA PHE A 96 0.90 17.70 -12.41
C PHE A 96 1.49 17.72 -13.80
N ILE A 97 2.66 18.36 -13.97
CA ILE A 97 3.27 18.41 -15.29
C ILE A 97 3.80 17.03 -15.68
N ALA A 98 4.22 16.21 -14.71
CA ALA A 98 4.62 14.84 -15.02
C ALA A 98 3.43 14.01 -15.48
N SER A 99 2.30 14.15 -14.81
CA SER A 99 1.10 13.43 -15.22
C SER A 99 0.62 13.88 -16.59
N PHE A 100 0.75 15.18 -16.88
CA PHE A 100 0.40 15.68 -18.21
C PHE A 100 1.34 15.10 -19.27
N ARG A 101 2.64 15.03 -18.96
CA ARG A 101 3.59 14.45 -19.91
C ARG A 101 3.28 12.98 -20.16
N LEU A 102 2.87 12.25 -19.12
CA LEU A 102 2.47 10.85 -19.32
C LEU A 102 1.20 10.76 -20.17
N PHE A 103 0.15 11.50 -19.80
CA PHE A 103 -1.13 11.42 -20.48
C PHE A 103 -1.06 11.90 -21.92
N ALA A 104 -0.09 12.76 -22.25
CA ALA A 104 0.09 13.16 -23.64
C ALA A 104 0.57 12.02 -24.52
N ARG A 105 1.05 10.93 -23.93
CA ARG A 105 1.55 9.79 -24.70
C ARG A 105 0.70 8.55 -24.53
N THR A 106 0.44 8.12 -23.29
CA THR A 106 -0.32 6.87 -23.13
C THR A 106 -1.81 7.09 -23.30
N ARG A 107 -2.31 8.29 -23.01
CA ARG A 107 -3.73 8.64 -23.11
C ARG A 107 -4.60 7.71 -22.28
N SER A 108 -4.38 7.76 -20.96
CA SER A 108 -5.10 6.92 -20.02
C SER A 108 -5.48 7.74 -18.79
N MET A 109 -6.71 7.55 -18.31
CA MET A 109 -7.18 8.29 -17.14
C MET A 109 -6.36 7.94 -15.90
N TRP A 110 -5.98 6.66 -15.78
CA TRP A 110 -5.22 6.22 -14.60
C TRP A 110 -3.83 6.85 -14.51
N SER A 111 -3.40 7.58 -15.54
CA SER A 111 -2.16 8.34 -15.43
C SER A 111 -2.29 9.54 -14.52
N PHE A 112 -3.51 9.88 -14.08
CA PHE A 112 -3.74 11.04 -13.22
C PHE A 112 -3.95 10.65 -11.76
N ASN A 113 -3.21 9.68 -11.29
CA ASN A 113 -3.27 9.22 -9.92
C ASN A 113 -2.09 9.77 -9.11
N PRO A 114 -2.27 9.99 -7.81
CA PRO A 114 -1.16 10.47 -6.99
C PRO A 114 -0.21 9.38 -6.52
N GLU A 115 -0.49 8.11 -6.84
CA GLU A 115 0.33 7.01 -6.34
C GLU A 115 1.62 6.90 -7.15
N THR A 116 1.51 6.68 -8.45
CA THR A 116 2.69 6.44 -9.28
C THR A 116 2.40 6.86 -10.71
N ASN A 117 3.48 7.07 -11.46
CA ASN A 117 3.40 7.39 -12.89
C ASN A 117 3.91 6.21 -13.73
N ILE A 118 3.57 5.00 -13.32
CA ILE A 118 4.03 3.78 -13.97
C ILE A 118 2.76 3.00 -14.30
N LEU A 119 2.51 2.75 -15.59
CA LEU A 119 1.25 2.16 -15.98
C LEU A 119 1.40 0.70 -16.38
N LEU A 120 0.36 -0.10 -16.11
CA LEU A 120 0.33 -1.52 -16.43
C LEU A 120 -0.91 -1.80 -17.28
N ASN A 121 -0.72 -2.15 -18.55
CA ASN A 121 -1.81 -2.46 -19.45
C ASN A 121 -1.87 -3.98 -19.63
N VAL A 122 -3.05 -4.56 -19.36
CA VAL A 122 -3.26 -5.99 -19.47
C VAL A 122 -4.45 -6.24 -20.40
N PRO A 123 -4.28 -7.00 -21.48
CA PRO A 123 -5.41 -7.34 -22.38
C PRO A 123 -6.21 -8.55 -21.91
N LEU A 124 -7.09 -8.31 -20.96
CA LEU A 124 -7.95 -9.34 -20.40
C LEU A 124 -9.38 -9.13 -20.90
N HIS A 125 -9.99 -10.20 -21.43
CA HIS A 125 -11.35 -10.17 -21.96
C HIS A 125 -11.51 -9.11 -23.04
N GLY A 126 -10.50 -8.97 -23.90
CA GLY A 126 -10.55 -7.97 -24.97
C GLY A 126 -10.25 -6.56 -24.54
N THR A 127 -10.89 -6.09 -23.47
CA THR A 127 -10.66 -4.74 -22.98
C THR A 127 -9.27 -4.63 -22.36
N ILE A 128 -8.59 -3.52 -22.63
CA ILE A 128 -7.26 -3.28 -22.08
C ILE A 128 -7.44 -2.63 -20.72
N LEU A 129 -7.26 -3.40 -19.65
CA LEU A 129 -7.34 -2.82 -18.31
C LEU A 129 -6.00 -2.20 -17.94
N THR A 130 -6.03 -0.94 -17.53
CA THR A 130 -4.84 -0.21 -17.15
C THR A 130 -4.88 0.05 -15.64
N ARG A 131 -3.78 -0.27 -14.96
CA ARG A 131 -3.70 -0.09 -13.53
C ARG A 131 -2.39 0.59 -13.15
N PRO A 132 -2.35 1.30 -12.02
CA PRO A 132 -1.07 1.78 -11.50
C PRO A 132 -0.19 0.61 -11.11
N LEU A 133 1.12 0.80 -11.29
CA LEU A 133 2.10 -0.23 -10.97
C LEU A 133 3.21 0.42 -10.16
N LEU A 134 3.71 -0.30 -9.15
CA LEU A 134 4.62 0.29 -8.17
C LEU A 134 5.95 0.72 -8.77
N GLU A 135 6.76 -0.23 -9.24
CA GLU A 135 8.10 0.13 -9.70
C GLU A 135 8.51 -0.52 -11.02
N SER A 136 7.60 -1.23 -11.70
CA SER A 136 7.86 -1.89 -12.98
C SER A 136 9.03 -2.87 -12.85
N GLU A 137 8.80 -3.91 -12.05
CA GLU A 137 9.79 -4.94 -11.81
C GLU A 137 10.09 -5.71 -13.10
N LEU A 138 11.30 -6.27 -13.16
CA LEU A 138 11.71 -7.02 -14.34
C LEU A 138 10.87 -8.29 -14.51
N VAL A 139 10.44 -8.89 -13.40
CA VAL A 139 9.54 -10.03 -13.42
C VAL A 139 8.27 -9.64 -12.68
N ILE A 140 7.12 -9.81 -13.31
CA ILE A 140 5.83 -9.43 -12.75
C ILE A 140 5.02 -10.69 -12.49
N GLY A 141 4.48 -10.81 -11.28
CA GLY A 141 3.73 -11.99 -10.91
C GLY A 141 2.27 -11.92 -11.34
N ALA A 142 1.67 -13.10 -11.51
CA ALA A 142 0.24 -13.21 -11.78
C ALA A 142 -0.30 -14.38 -11.00
N VAL A 143 -1.27 -14.11 -10.12
CA VAL A 143 -1.77 -15.09 -9.15
C VAL A 143 -3.25 -15.32 -9.43
N ILE A 144 -3.67 -16.59 -9.47
CA ILE A 144 -5.07 -16.96 -9.63
C ILE A 144 -5.56 -17.45 -8.29
N LEU A 145 -6.52 -16.72 -7.71
CA LEU A 145 -7.17 -17.10 -6.46
C LEU A 145 -8.64 -17.37 -6.76
N ARG A 146 -9.03 -18.64 -6.68
CA ARG A 146 -10.41 -19.09 -6.92
C ARG A 146 -10.91 -18.60 -8.28
N GLY A 147 -10.05 -18.70 -9.29
CA GLY A 147 -10.41 -18.28 -10.63
C GLY A 147 -10.35 -16.79 -10.87
N HIS A 148 -9.85 -16.01 -9.91
CA HIS A 148 -9.73 -14.57 -10.04
C HIS A 148 -8.26 -14.20 -10.25
N LEU A 149 -7.98 -13.38 -11.25
CA LEU A 149 -6.61 -12.99 -11.55
C LEU A 149 -6.25 -11.73 -10.79
N ARG A 150 -5.07 -11.73 -10.17
CA ARG A 150 -4.52 -10.54 -9.56
C ARG A 150 -3.07 -10.39 -9.97
N ILE A 151 -2.67 -9.14 -10.24
CA ILE A 151 -1.32 -8.80 -10.66
C ILE A 151 -0.88 -7.57 -9.88
N ALA A 152 0.18 -7.73 -9.09
CA ALA A 152 0.77 -6.63 -8.30
C ALA A 152 -0.25 -5.96 -7.38
N GLY A 153 -1.12 -6.76 -6.79
CA GLY A 153 -2.09 -6.27 -5.84
C GLY A 153 -3.37 -5.74 -6.45
N HIS A 154 -3.48 -5.68 -7.77
CA HIS A 154 -4.68 -5.23 -8.45
C HIS A 154 -5.49 -6.44 -8.91
N HIS A 155 -6.72 -6.53 -8.45
CA HIS A 155 -7.63 -7.58 -8.89
C HIS A 155 -8.17 -7.19 -10.25
N LEU A 156 -7.54 -7.72 -11.31
CA LEU A 156 -7.93 -7.33 -12.66
C LEU A 156 -9.31 -7.87 -13.04
N GLY A 157 -9.74 -8.96 -12.43
CA GLY A 157 -11.06 -9.49 -12.68
C GLY A 157 -11.07 -11.00 -12.53
N ARG A 158 -12.10 -11.61 -13.11
CA ARG A 158 -12.28 -13.05 -13.06
C ARG A 158 -11.69 -13.64 -14.33
N CYS A 159 -10.53 -14.28 -14.21
CA CYS A 159 -9.86 -14.91 -15.33
C CYS A 159 -9.24 -16.22 -14.84
N ASP A 160 -9.76 -17.34 -15.33
CA ASP A 160 -9.22 -18.64 -14.96
C ASP A 160 -7.93 -18.91 -15.74
N ILE A 161 -7.39 -20.12 -15.61
CA ILE A 161 -6.08 -20.41 -16.18
C ILE A 161 -6.12 -20.48 -17.70
N LYS A 162 -7.30 -20.63 -18.30
CA LYS A 162 -7.38 -20.76 -19.75
C LYS A 162 -7.20 -19.44 -20.47
N ASP A 163 -7.75 -18.35 -19.92
CA ASP A 163 -7.78 -17.05 -20.59
C ASP A 163 -6.69 -16.11 -20.09
N LEU A 164 -5.58 -16.65 -19.60
CA LEU A 164 -4.50 -15.82 -19.11
C LEU A 164 -3.88 -15.03 -20.27
N PRO A 165 -3.51 -13.77 -20.03
CA PRO A 165 -2.94 -12.95 -21.10
C PRO A 165 -1.61 -13.50 -21.59
N LYS A 166 -1.34 -13.28 -22.87
CA LYS A 166 -0.11 -13.78 -23.48
C LYS A 166 1.02 -12.75 -23.39
N GLU A 167 0.69 -11.47 -23.58
CA GLU A 167 1.68 -10.40 -23.51
C GLU A 167 1.02 -9.14 -22.96
N ILE A 168 1.62 -8.57 -21.91
CA ILE A 168 1.12 -7.34 -21.33
C ILE A 168 2.16 -6.24 -21.53
N THR A 169 1.83 -5.02 -21.13
CA THR A 169 2.72 -3.90 -21.36
C THR A 169 2.84 -3.04 -20.11
N VAL A 170 3.97 -2.35 -20.00
CA VAL A 170 4.18 -1.35 -18.97
C VAL A 170 4.51 -0.04 -19.66
N ALA A 171 3.67 0.97 -19.42
CA ALA A 171 3.72 2.24 -20.12
C ALA A 171 4.32 3.33 -19.24
N THR A 172 5.09 4.21 -19.88
CA THR A 172 5.84 5.25 -19.19
C THR A 172 6.16 6.32 -20.23
N SER A 173 6.33 7.56 -19.78
CA SER A 173 6.77 8.63 -20.66
C SER A 173 8.07 8.23 -21.36
N ARG A 174 7.98 8.12 -22.69
CA ARG A 174 9.10 7.71 -23.55
C ARG A 174 9.59 6.30 -23.20
N THR A 175 8.68 5.41 -22.84
CA THR A 175 9.06 4.03 -22.52
C THR A 175 7.84 3.12 -22.63
N LEU A 176 7.99 1.98 -23.31
CA LEU A 176 6.97 0.96 -23.31
C LEU A 176 7.70 -0.38 -23.24
N SER A 177 7.53 -1.09 -22.13
CA SER A 177 8.21 -2.36 -21.90
C SER A 177 7.23 -3.50 -22.12
N TYR A 178 7.58 -4.42 -23.01
CA TYR A 178 6.72 -5.55 -23.31
C TYR A 178 7.05 -6.69 -22.36
N TYR A 179 6.03 -7.32 -21.79
CA TYR A 179 6.21 -8.41 -20.85
C TYR A 179 5.56 -9.66 -21.42
N LYS A 180 6.35 -10.71 -21.59
CA LYS A 180 5.92 -11.97 -22.19
C LYS A 180 5.62 -12.98 -21.10
N LEU A 181 4.56 -13.77 -21.31
CA LEU A 181 4.20 -14.80 -20.35
C LEU A 181 5.29 -15.87 -20.26
N GLY A 182 5.57 -16.31 -19.05
CA GLY A 182 6.46 -17.42 -18.81
C GLY A 182 5.71 -18.73 -18.69
N ALA A 183 6.23 -19.62 -17.87
CA ALA A 183 5.57 -20.90 -17.64
C ALA A 183 4.36 -20.73 -16.74
N SER A 184 3.36 -21.58 -16.96
CA SER A 184 2.13 -21.58 -16.17
C SER A 184 2.13 -22.79 -15.26
N GLN A 185 1.75 -22.57 -14.00
CA GLN A 185 1.78 -23.61 -12.97
C GLN A 185 0.36 -23.86 -12.48
N ARG A 186 -0.24 -24.95 -12.93
CA ARG A 186 -1.57 -25.34 -12.46
C ARG A 186 -1.42 -26.17 -11.20
N VAL A 187 -2.02 -25.70 -10.10
CA VAL A 187 -1.89 -26.37 -8.81
C VAL A 187 -3.14 -26.06 -7.98
N ALA A 188 -3.44 -26.97 -7.05
CA ALA A 188 -4.58 -26.84 -6.14
C ALA A 188 -5.90 -26.71 -6.91
N GLY A 189 -6.08 -27.61 -7.88
CA GLY A 189 -7.33 -27.69 -8.61
C GLY A 189 -7.44 -26.73 -9.78
N ASP A 190 -7.71 -25.46 -9.49
CA ASP A 190 -7.91 -24.45 -10.52
C ASP A 190 -6.98 -23.26 -10.42
N SER A 191 -6.28 -23.08 -9.29
CA SER A 191 -5.41 -21.93 -9.12
C SER A 191 -4.18 -22.04 -10.01
N GLY A 192 -3.76 -20.91 -10.56
CA GLY A 192 -2.59 -20.84 -11.41
C GLY A 192 -1.67 -19.73 -10.95
N PHE A 193 -0.47 -19.73 -11.51
CA PHE A 193 0.56 -18.81 -11.02
C PHE A 193 1.63 -18.69 -12.08
N ALA A 194 1.82 -17.49 -12.62
CA ALA A 194 2.65 -17.30 -13.80
C ALA A 194 3.49 -16.05 -13.68
N ALA A 195 4.51 -15.96 -14.54
CA ALA A 195 5.49 -14.89 -14.52
C ALA A 195 5.49 -14.15 -15.84
N TYR A 196 5.77 -12.85 -15.77
CA TYR A 196 5.95 -11.99 -16.93
C TYR A 196 7.39 -11.50 -16.91
N SER A 197 8.22 -12.09 -17.77
CA SER A 197 9.58 -11.62 -17.94
C SER A 197 9.63 -10.49 -18.96
N ARG A 198 10.49 -9.51 -18.72
CA ARG A 198 10.60 -8.37 -19.62
C ARG A 198 11.16 -8.82 -20.97
N TYR A 199 10.50 -8.38 -22.05
CA TYR A 199 10.90 -8.75 -23.40
C TYR A 199 11.80 -7.69 -24.03
N ARG A 200 11.29 -6.47 -24.21
CA ARG A 200 12.09 -5.38 -24.73
C ARG A 200 11.46 -4.05 -24.35
N ILE A 201 12.27 -3.00 -24.46
CA ILE A 201 11.87 -1.63 -24.13
C ILE A 201 11.92 -0.83 -25.43
N GLY A 202 10.78 -0.25 -25.82
CA GLY A 202 10.69 0.47 -27.06
C GLY A 202 9.86 1.73 -26.94
N ASN A 203 9.86 2.50 -28.04
CA ASN A 203 8.96 3.64 -28.19
C ASN A 203 8.85 3.90 -29.70
N TYR A 204 7.79 3.39 -30.31
CA TYR A 204 7.64 3.45 -31.76
C TYR A 204 6.82 4.66 -32.18
N LEU B 17 -2.54 28.16 19.18
CA LEU B 17 -3.13 26.89 18.76
C LEU B 17 -2.64 26.52 17.37
N GLU B 18 -2.02 27.49 16.68
CA GLU B 18 -1.49 27.27 15.35
C GLU B 18 -0.30 26.32 15.34
N GLN B 19 0.31 26.05 16.50
CA GLN B 19 1.42 25.11 16.54
C GLN B 19 0.97 23.70 16.14
N TRP B 20 -0.22 23.29 16.59
CA TRP B 20 -0.76 22.00 16.17
C TRP B 20 -1.05 21.97 14.68
N ASN B 21 -1.53 23.08 14.13
CA ASN B 21 -1.76 23.16 12.69
C ASN B 21 -0.45 23.03 11.92
N LEU B 22 0.61 23.69 12.40
CA LEU B 22 1.91 23.55 11.75
C LEU B 22 2.48 22.14 11.92
N VAL B 23 2.16 21.48 13.04
CA VAL B 23 2.59 20.10 13.25
C VAL B 23 1.91 19.18 12.24
N ILE B 24 0.60 19.34 12.06
CA ILE B 24 -0.09 18.51 11.08
C ILE B 24 0.36 18.86 9.66
N GLY B 25 0.77 20.11 9.43
CA GLY B 25 1.34 20.47 8.14
C GLY B 25 2.67 19.79 7.91
N PHE B 26 3.52 19.72 8.93
CA PHE B 26 4.78 18.99 8.83
C PHE B 26 4.52 17.51 8.55
N LEU B 27 3.55 16.93 9.26
CA LEU B 27 3.21 15.52 9.08
C LEU B 27 2.75 15.25 7.65
N PHE B 28 1.84 16.08 7.13
CA PHE B 28 1.35 15.91 5.78
C PHE B 28 2.45 16.11 4.74
N LEU B 29 3.30 17.13 4.95
CA LEU B 29 4.37 17.40 4.00
C LEU B 29 5.36 16.23 3.93
N THR B 30 5.76 15.71 5.09
CA THR B 30 6.72 14.61 5.06
C THR B 30 6.06 13.32 4.56
N TRP B 31 4.75 13.17 4.75
CA TRP B 31 4.09 11.96 4.28
C TRP B 31 3.95 12.00 2.77
N ILE B 32 3.69 13.19 2.22
CA ILE B 32 3.71 13.38 0.77
C ILE B 32 5.12 13.16 0.23
N CYS B 33 6.14 13.66 0.92
CA CYS B 33 7.52 13.42 0.53
C CYS B 33 7.86 11.94 0.58
N LEU B 34 7.14 11.16 1.39
CA LEU B 34 7.36 9.72 1.45
C LEU B 34 6.91 9.01 0.19
N LEU B 35 6.08 9.64 -0.64
CA LEU B 35 5.47 8.99 -1.79
C LEU B 35 6.27 9.15 -3.08
N GLN B 36 7.53 9.54 -3.00
CA GLN B 36 8.38 9.63 -4.19
C GLN B 36 9.61 8.75 -4.15
N PHE B 37 10.11 8.40 -2.96
CA PHE B 37 11.32 7.60 -2.83
C PHE B 37 11.07 6.27 -2.13
N ALA B 38 10.41 6.29 -0.97
CA ALA B 38 10.26 5.08 -0.17
C ALA B 38 9.27 4.10 -0.77
N TYR B 39 8.36 4.55 -1.65
CA TYR B 39 7.40 3.63 -2.23
C TYR B 39 8.05 2.68 -3.23
N ALA B 40 9.09 3.13 -3.92
CA ALA B 40 9.79 2.29 -4.87
C ALA B 40 10.93 1.51 -4.21
N ASN B 41 11.87 2.22 -3.60
CA ASN B 41 12.96 1.59 -2.88
C ASN B 41 12.48 1.24 -1.47
N ARG B 42 12.35 -0.05 -1.19
CA ARG B 42 11.81 -0.53 0.08
C ARG B 42 12.96 -0.83 1.03
N ASN B 43 13.10 0.00 2.06
CA ASN B 43 14.10 -0.17 3.10
C ASN B 43 13.40 -0.48 4.42
N ARG B 44 14.02 -1.34 5.22
CA ARG B 44 13.41 -1.74 6.49
C ARG B 44 13.25 -0.57 7.43
N PHE B 45 14.25 0.33 7.47
CA PHE B 45 14.15 1.52 8.31
C PHE B 45 13.00 2.41 7.84
N LEU B 46 12.90 2.64 6.53
CA LEU B 46 11.81 3.45 6.00
C LEU B 46 10.46 2.78 6.22
N TYR B 47 10.41 1.46 6.06
CA TYR B 47 9.15 0.75 6.29
C TYR B 47 8.70 0.85 7.75
N ILE B 48 9.62 0.69 8.69
CA ILE B 48 9.22 0.76 10.10
C ILE B 48 8.89 2.20 10.48
N ILE B 49 9.55 3.18 9.85
CA ILE B 49 9.18 4.59 10.07
C ILE B 49 7.76 4.84 9.60
N LYS B 50 7.43 4.35 8.40
CA LYS B 50 6.07 4.49 7.89
C LYS B 50 5.06 3.76 8.77
N LEU B 51 5.47 2.62 9.33
CA LEU B 51 4.56 1.84 10.16
C LEU B 51 4.24 2.55 11.47
N ILE B 52 5.26 3.04 12.16
CA ILE B 52 5.00 3.76 13.41
C ILE B 52 4.31 5.09 13.11
N PHE B 53 4.57 5.66 11.93
CA PHE B 53 3.93 6.88 11.50
C PHE B 53 2.44 6.68 11.25
N LEU B 54 2.06 5.52 10.70
CA LEU B 54 0.65 5.20 10.58
C LEU B 54 0.04 4.84 11.92
N TRP B 55 0.85 4.32 12.85
CA TRP B 55 0.32 4.00 14.18
C TRP B 55 -0.02 5.26 14.96
N LEU B 56 0.69 6.36 14.71
CA LEU B 56 0.42 7.61 15.41
C LEU B 56 -0.73 8.39 14.78
N LEU B 57 -1.34 7.88 13.71
CA LEU B 57 -2.51 8.53 13.13
C LEU B 57 -3.72 8.41 14.06
N TRP B 58 -3.84 7.30 14.79
CA TRP B 58 -4.97 7.13 15.70
C TRP B 58 -4.95 8.15 16.84
N PRO B 59 -3.85 8.36 17.57
CA PRO B 59 -3.88 9.40 18.61
C PRO B 59 -4.08 10.80 18.07
N VAL B 60 -3.58 11.13 16.88
CA VAL B 60 -3.80 12.49 16.38
C VAL B 60 -5.24 12.66 15.91
N THR B 61 -5.87 11.60 15.41
CA THR B 61 -7.32 11.66 15.15
C THR B 61 -8.10 11.88 16.44
N LEU B 62 -7.74 11.14 17.49
CA LEU B 62 -8.39 11.34 18.78
C LEU B 62 -8.15 12.74 19.31
N ALA B 63 -6.95 13.29 19.09
CA ALA B 63 -6.63 14.64 19.53
C ALA B 63 -7.44 15.68 18.76
N CYS B 64 -7.62 15.47 17.46
CA CYS B 64 -8.48 16.38 16.68
C CYS B 64 -9.91 16.37 17.20
N PHE B 65 -10.45 15.18 17.47
CA PHE B 65 -11.79 15.12 18.03
C PHE B 65 -11.85 15.73 19.43
N VAL B 66 -10.79 15.57 20.23
CA VAL B 66 -10.76 16.13 21.57
C VAL B 66 -10.77 17.66 21.52
N LEU B 67 -9.93 18.24 20.67
CA LEU B 67 -9.92 19.69 20.56
C LEU B 67 -11.18 20.22 19.89
N ALA B 68 -11.87 19.39 19.11
CA ALA B 68 -13.18 19.80 18.62
C ALA B 68 -14.22 19.79 19.73
N ALA B 69 -14.10 18.86 20.68
CA ALA B 69 -15.08 18.73 21.75
C ALA B 69 -14.81 19.64 22.95
N VAL B 70 -13.59 20.15 23.09
CA VAL B 70 -13.27 21.00 24.25
C VAL B 70 -14.00 22.34 24.15
N TYR B 71 -14.10 22.89 22.94
CA TYR B 71 -14.69 24.22 22.72
C TYR B 71 -16.17 24.14 22.41
N ARG B 72 -16.86 23.20 23.04
CA ARG B 72 -18.30 23.01 22.83
C ARG B 72 -19.08 24.25 23.24
N ILE B 73 -19.83 24.81 22.30
CA ILE B 73 -20.73 25.93 22.56
C ILE B 73 -22.15 25.44 22.33
N ASN B 74 -22.39 24.88 21.14
CA ASN B 74 -23.64 24.21 20.84
C ASN B 74 -23.52 22.73 21.16
N TRP B 75 -24.68 22.07 21.33
CA TRP B 75 -24.68 20.69 21.79
C TRP B 75 -24.80 19.66 20.68
N ILE B 76 -25.26 20.05 19.50
CA ILE B 76 -25.46 19.09 18.42
C ILE B 76 -24.11 18.61 17.87
N THR B 77 -23.30 19.55 17.40
CA THR B 77 -21.98 19.21 16.88
C THR B 77 -21.08 18.65 17.97
N GLY B 78 -21.18 19.18 19.18
CA GLY B 78 -20.40 18.64 20.28
C GLY B 78 -20.76 17.20 20.60
N GLY B 79 -22.06 16.90 20.60
CA GLY B 79 -22.49 15.53 20.84
C GLY B 79 -22.08 14.59 19.73
N ILE B 80 -22.14 15.05 18.48
CA ILE B 80 -21.69 14.23 17.35
C ILE B 80 -20.21 13.92 17.48
N ALA B 81 -19.40 14.94 17.81
CA ALA B 81 -17.96 14.75 17.97
C ALA B 81 -17.66 13.82 19.14
N ILE B 82 -18.40 13.96 20.25
CA ILE B 82 -18.18 13.11 21.41
C ILE B 82 -18.51 11.66 21.08
N ALA B 83 -19.64 11.42 20.40
CA ALA B 83 -20.02 10.07 20.04
C ALA B 83 -19.01 9.44 19.08
N MET B 84 -18.55 10.21 18.08
CA MET B 84 -17.59 9.66 17.14
C MET B 84 -16.23 9.43 17.79
N ALA B 85 -15.82 10.29 18.72
CA ALA B 85 -14.58 10.05 19.46
C ALA B 85 -14.70 8.79 20.31
N CYS B 86 -15.86 8.58 20.94
CA CYS B 86 -16.08 7.36 21.71
C CYS B 86 -16.01 6.12 20.82
N LEU B 87 -16.62 6.20 19.63
CA LEU B 87 -16.60 5.06 18.73
C LEU B 87 -15.18 4.75 18.24
N VAL B 88 -14.43 5.79 17.85
CA VAL B 88 -13.08 5.55 17.34
C VAL B 88 -12.16 5.06 18.46
N GLY B 89 -12.34 5.54 19.69
CA GLY B 89 -11.58 5.02 20.80
C GLY B 89 -11.92 3.58 21.13
N LEU B 90 -13.21 3.24 21.05
CA LEU B 90 -13.62 1.86 21.30
C LEU B 90 -13.03 0.92 20.26
N MET B 91 -13.04 1.32 18.99
CA MET B 91 -12.48 0.45 17.96
C MET B 91 -10.95 0.42 18.02
N TRP B 92 -10.32 1.51 18.47
CA TRP B 92 -8.87 1.47 18.70
C TRP B 92 -8.52 0.51 19.83
N LEU B 93 -9.29 0.51 20.91
CA LEU B 93 -9.04 -0.46 21.98
C LEU B 93 -9.35 -1.88 21.53
N SER B 94 -10.32 -2.06 20.64
CA SER B 94 -10.56 -3.37 20.04
C SER B 94 -9.34 -3.82 19.24
N TYR B 95 -8.74 -2.91 18.48
CA TYR B 95 -7.51 -3.24 17.76
C TYR B 95 -6.38 -3.58 18.72
N PHE B 96 -6.27 -2.84 19.82
CA PHE B 96 -5.24 -3.13 20.81
C PHE B 96 -5.43 -4.50 21.42
N ILE B 97 -6.66 -4.87 21.75
CA ILE B 97 -6.90 -6.17 22.35
C ILE B 97 -6.69 -7.28 21.32
N ALA B 98 -6.95 -7.00 20.03
CA ALA B 98 -6.65 -7.98 19.00
C ALA B 98 -5.15 -8.20 18.85
N SER B 99 -4.38 -7.11 18.87
CA SER B 99 -2.93 -7.23 18.80
C SER B 99 -2.37 -7.95 20.02
N PHE B 100 -2.95 -7.71 21.19
CA PHE B 100 -2.54 -8.44 22.39
C PHE B 100 -2.85 -9.92 22.27
N ARG B 101 -4.03 -10.26 21.73
CA ARG B 101 -4.38 -11.67 21.52
C ARG B 101 -3.43 -12.33 20.55
N LEU B 102 -3.02 -11.62 19.51
CA LEU B 102 -2.03 -12.17 18.57
C LEU B 102 -0.68 -12.37 19.25
N PHE B 103 -0.18 -11.32 19.91
CA PHE B 103 1.16 -11.36 20.52
C PHE B 103 1.24 -12.36 21.67
N ALA B 104 0.11 -12.69 22.30
CA ALA B 104 0.12 -13.72 23.33
C ALA B 104 0.41 -15.11 22.75
N ARG B 105 0.29 -15.28 21.44
CA ARG B 105 0.52 -16.57 20.81
C ARG B 105 1.76 -16.57 19.92
N THR B 106 1.86 -15.64 18.97
CA THR B 106 3.01 -15.70 18.05
C THR B 106 4.27 -15.12 18.68
N ARG B 107 4.12 -14.19 19.62
CA ARG B 107 5.24 -13.53 20.30
C ARG B 107 6.18 -12.85 19.30
N SER B 108 5.64 -11.87 18.59
CA SER B 108 6.40 -11.14 17.58
C SER B 108 6.08 -9.65 17.69
N MET B 109 7.12 -8.82 17.56
CA MET B 109 6.94 -7.38 17.65
C MET B 109 6.08 -6.86 16.50
N TRP B 110 6.23 -7.44 15.31
CA TRP B 110 5.48 -7.00 14.15
C TRP B 110 3.98 -7.25 14.28
N SER B 111 3.54 -7.96 15.31
CA SER B 111 2.12 -8.10 15.58
C SER B 111 1.49 -6.81 16.09
N PHE B 112 2.31 -5.80 16.42
CA PHE B 112 1.81 -4.53 16.96
C PHE B 112 1.80 -3.43 15.92
N ASN B 113 1.45 -3.76 14.70
CA ASN B 113 1.36 -2.81 13.60
C ASN B 113 -0.10 -2.44 13.34
N PRO B 114 -0.35 -1.22 12.86
CA PRO B 114 -1.72 -0.81 12.54
C PRO B 114 -2.21 -1.28 11.18
N GLU B 115 -1.36 -1.93 10.40
CA GLU B 115 -1.73 -2.34 9.05
C GLU B 115 -2.62 -3.58 9.06
N THR B 116 -2.11 -4.68 9.61
CA THR B 116 -2.83 -5.94 9.58
C THR B 116 -2.41 -6.80 10.76
N ASN B 117 -3.24 -7.79 11.07
CA ASN B 117 -2.96 -8.78 12.10
C ASN B 117 -2.72 -10.15 11.48
N ILE B 118 -2.01 -10.18 10.36
CA ILE B 118 -1.74 -11.39 9.61
C ILE B 118 -0.22 -11.45 9.45
N LEU B 119 0.42 -12.48 10.00
CA LEU B 119 1.87 -12.50 10.03
C LEU B 119 2.45 -13.48 9.02
N LEU B 120 3.62 -13.15 8.48
CA LEU B 120 4.33 -13.98 7.51
C LEU B 120 5.73 -14.25 8.04
N ASN B 121 6.02 -15.50 8.39
CA ASN B 121 7.33 -15.90 8.87
C ASN B 121 8.07 -16.64 7.76
N VAL B 122 9.27 -16.16 7.43
CA VAL B 122 10.09 -16.74 6.37
C VAL B 122 11.45 -17.09 6.95
N PRO B 123 11.90 -18.34 6.88
CA PRO B 123 13.24 -18.74 7.36
C PRO B 123 14.33 -18.51 6.31
N LEU B 124 14.78 -17.26 6.21
CA LEU B 124 15.83 -16.87 5.28
C LEU B 124 17.11 -16.59 6.07
N HIS B 125 18.21 -17.20 5.63
CA HIS B 125 19.53 -17.03 6.26
C HIS B 125 19.49 -17.40 7.75
N GLY B 126 18.76 -18.47 8.06
CA GLY B 126 18.64 -18.90 9.45
C GLY B 126 17.67 -18.11 10.31
N THR B 127 17.77 -16.78 10.27
CA THR B 127 16.88 -15.94 11.06
C THR B 127 15.48 -15.97 10.46
N ILE B 128 14.48 -16.04 11.34
CA ILE B 128 13.08 -16.05 10.93
C ILE B 128 12.63 -14.60 10.77
N LEU B 129 12.54 -14.13 9.54
CA LEU B 129 12.03 -12.78 9.30
C LEU B 129 10.52 -12.79 9.29
N THR B 130 9.91 -11.94 10.10
CA THR B 130 8.46 -11.83 10.20
C THR B 130 8.03 -10.49 9.62
N ARG B 131 7.03 -10.53 8.73
CA ARG B 131 6.53 -9.33 8.10
C ARG B 131 5.01 -9.32 8.12
N PRO B 132 4.40 -8.13 8.09
CA PRO B 132 2.95 -8.06 7.90
C PRO B 132 2.57 -8.59 6.52
N LEU B 133 1.41 -9.21 6.46
CA LEU B 133 0.89 -9.78 5.22
C LEU B 133 -0.55 -9.33 5.05
N LEU B 134 -0.91 -9.01 3.80
CA LEU B 134 -2.21 -8.37 3.53
C LEU B 134 -3.40 -9.24 3.89
N GLU B 135 -3.60 -10.36 3.18
CA GLU B 135 -4.81 -11.15 3.39
C GLU B 135 -4.57 -12.66 3.47
N SER B 136 -3.30 -13.10 3.48
CA SER B 136 -2.95 -14.53 3.55
C SER B 136 -3.59 -15.32 2.42
N GLU B 137 -3.13 -14.99 1.20
CA GLU B 137 -3.64 -15.64 0.01
C GLU B 137 -3.27 -17.12 0.00
N LEU B 138 -4.07 -17.91 -0.72
CA LEU B 138 -3.81 -19.35 -0.79
C LEU B 138 -2.51 -19.64 -1.53
N VAL B 139 -2.14 -18.81 -2.50
CA VAL B 139 -0.87 -18.91 -3.20
C VAL B 139 -0.12 -17.60 -2.98
N ILE B 140 1.12 -17.71 -2.50
CA ILE B 140 1.95 -16.55 -2.19
C ILE B 140 3.12 -16.52 -3.15
N GLY B 141 3.35 -15.35 -3.76
CA GLY B 141 4.42 -15.22 -4.74
C GLY B 141 5.76 -14.92 -4.10
N ALA B 142 6.82 -15.28 -4.82
CA ALA B 142 8.18 -14.95 -4.42
C ALA B 142 8.95 -14.56 -5.66
N VAL B 143 9.48 -13.33 -5.68
CA VAL B 143 10.08 -12.73 -6.86
C VAL B 143 11.55 -12.42 -6.55
N ILE B 144 12.45 -12.80 -7.46
CA ILE B 144 13.87 -12.49 -7.33
C ILE B 144 14.18 -11.39 -8.33
N LEU B 145 14.57 -10.22 -7.82
CA LEU B 145 14.98 -9.08 -8.63
C LEU B 145 16.46 -8.82 -8.34
N ARG B 146 17.32 -9.10 -9.32
CA ARG B 146 18.76 -8.90 -9.22
C ARG B 146 19.34 -9.59 -7.98
N GLY B 147 18.88 -10.81 -7.73
CA GLY B 147 19.33 -11.56 -6.58
C GLY B 147 18.71 -11.18 -5.27
N HIS B 148 17.71 -10.30 -5.27
CA HIS B 148 17.04 -9.88 -4.05
C HIS B 148 15.66 -10.51 -4.00
N LEU B 149 15.31 -11.11 -2.87
CA LEU B 149 14.02 -11.77 -2.72
C LEU B 149 12.99 -10.79 -2.19
N ARG B 150 11.81 -10.79 -2.80
CA ARG B 150 10.67 -10.04 -2.30
C ARG B 150 9.43 -10.92 -2.30
N ILE B 151 8.64 -10.80 -1.24
CA ILE B 151 7.42 -11.58 -1.08
C ILE B 151 6.33 -10.63 -0.60
N ALA B 152 5.27 -10.50 -1.40
CA ALA B 152 4.10 -9.68 -1.08
C ALA B 152 4.48 -8.23 -0.78
N GLY B 153 5.44 -7.70 -1.54
CA GLY B 153 5.85 -6.32 -1.41
C GLY B 153 6.90 -6.05 -0.35
N HIS B 154 7.28 -7.07 0.43
CA HIS B 154 8.31 -6.91 1.45
C HIS B 154 9.63 -7.43 0.90
N HIS B 155 10.64 -6.57 0.88
CA HIS B 155 11.99 -6.97 0.48
C HIS B 155 12.62 -7.70 1.66
N LEU B 156 12.56 -9.04 1.65
CA LEU B 156 13.06 -9.80 2.78
C LEU B 156 14.58 -9.75 2.87
N GLY B 157 15.26 -9.51 1.76
CA GLY B 157 16.71 -9.38 1.79
C GLY B 157 17.31 -9.86 0.49
N ARG B 158 18.61 -10.15 0.55
CA ARG B 158 19.36 -10.62 -0.61
C ARG B 158 19.42 -12.13 -0.55
N CYS B 159 18.63 -12.78 -1.41
CA CYS B 159 18.59 -14.24 -1.48
C CYS B 159 18.48 -14.63 -2.94
N ASP B 160 19.52 -15.27 -3.46
CA ASP B 160 19.51 -15.73 -4.85
C ASP B 160 18.68 -17.01 -4.96
N ILE B 161 18.68 -17.63 -6.15
CA ILE B 161 17.81 -18.76 -6.39
C ILE B 161 18.25 -20.01 -5.63
N LYS B 162 19.49 -20.04 -5.14
CA LYS B 162 19.97 -21.24 -4.45
C LYS B 162 19.42 -21.36 -3.03
N ASP B 163 19.32 -20.24 -2.31
CA ASP B 163 18.96 -20.24 -0.90
C ASP B 163 17.49 -19.91 -0.67
N LEU B 164 16.63 -20.22 -1.63
CA LEU B 164 15.22 -19.94 -1.48
C LEU B 164 14.62 -20.81 -0.37
N PRO B 165 13.72 -20.26 0.44
CA PRO B 165 13.13 -21.03 1.53
C PRO B 165 12.33 -22.22 1.02
N LYS B 166 12.31 -23.28 1.82
CA LYS B 166 11.59 -24.50 1.46
C LYS B 166 10.16 -24.47 1.96
N GLU B 167 9.95 -23.97 3.18
CA GLU B 167 8.62 -23.89 3.77
C GLU B 167 8.53 -22.66 4.65
N ILE B 168 7.50 -21.83 4.42
CA ILE B 168 7.29 -20.65 5.23
C ILE B 168 5.97 -20.80 5.97
N THR B 169 5.64 -19.84 6.83
CA THR B 169 4.45 -19.95 7.65
C THR B 169 3.67 -18.64 7.64
N VAL B 170 2.37 -18.74 7.86
CA VAL B 170 1.51 -17.59 8.08
C VAL B 170 0.84 -17.75 9.44
N ALA B 171 1.09 -16.79 10.32
CA ALA B 171 0.69 -16.86 11.72
C ALA B 171 -0.51 -15.97 11.98
N THR B 172 -1.40 -16.43 12.86
CA THR B 172 -2.66 -15.78 13.15
C THR B 172 -3.13 -16.32 14.50
N SER B 173 -3.91 -15.52 15.22
CA SER B 173 -4.54 -15.98 16.45
C SER B 173 -5.33 -17.26 16.20
N ARG B 174 -4.87 -18.35 16.84
CA ARG B 174 -5.46 -19.68 16.69
C ARG B 174 -5.40 -20.19 15.25
N THR B 175 -4.31 -19.87 14.54
CA THR B 175 -4.14 -20.34 13.17
C THR B 175 -2.66 -20.28 12.79
N LEU B 176 -2.16 -21.36 12.19
CA LEU B 176 -0.83 -21.35 11.60
C LEU B 176 -0.92 -22.14 10.31
N SER B 177 -0.74 -21.46 9.17
CA SER B 177 -0.87 -22.08 7.87
C SER B 177 0.53 -22.30 7.30
N TYR B 178 0.83 -23.55 6.94
CA TYR B 178 2.13 -23.89 6.39
C TYR B 178 2.09 -23.74 4.87
N TYR B 179 3.11 -23.10 4.31
CA TYR B 179 3.17 -22.86 2.87
C TYR B 179 4.41 -23.54 2.32
N LYS B 180 4.19 -24.45 1.38
CA LYS B 180 5.25 -25.27 0.78
C LYS B 180 5.68 -24.66 -0.55
N LEU B 181 6.98 -24.71 -0.82
CA LEU B 181 7.49 -24.20 -2.09
C LEU B 181 6.97 -25.02 -3.25
N GLY B 182 6.61 -24.34 -4.33
CA GLY B 182 6.23 -24.98 -5.58
C GLY B 182 7.41 -25.11 -6.51
N ALA B 183 7.14 -25.02 -7.81
CA ALA B 183 8.19 -25.09 -8.81
C ALA B 183 8.96 -23.77 -8.85
N SER B 184 10.25 -23.87 -9.18
CA SER B 184 11.12 -22.71 -9.31
C SER B 184 11.42 -22.46 -10.79
N GLN B 185 11.35 -21.19 -11.19
CA GLN B 185 11.50 -20.79 -12.59
C GLN B 185 12.73 -19.90 -12.71
N ARG B 186 13.83 -20.46 -13.21
CA ARG B 186 15.03 -19.67 -13.45
C ARG B 186 14.94 -19.05 -14.85
N VAL B 187 15.00 -17.72 -14.90
CA VAL B 187 14.84 -17.00 -16.16
C VAL B 187 15.60 -15.69 -16.06
N ALA B 188 16.02 -15.17 -17.22
CA ALA B 188 16.74 -13.89 -17.32
C ALA B 188 18.03 -13.91 -16.49
N GLY B 189 18.81 -14.98 -16.66
CA GLY B 189 20.11 -15.09 -16.03
C GLY B 189 20.09 -15.58 -14.60
N ASP B 190 19.72 -14.72 -13.66
CA ASP B 190 19.72 -15.06 -12.24
C ASP B 190 18.37 -14.88 -11.56
N SER B 191 17.43 -14.20 -12.19
CA SER B 191 16.14 -13.96 -11.56
C SER B 191 15.33 -15.25 -11.46
N GLY B 192 14.61 -15.40 -10.34
CA GLY B 192 13.78 -16.56 -10.12
C GLY B 192 12.39 -16.12 -9.69
N PHE B 193 11.47 -17.08 -9.69
CA PHE B 193 10.08 -16.74 -9.45
C PHE B 193 9.34 -18.02 -9.04
N ALA B 194 8.81 -18.03 -7.82
CA ALA B 194 8.30 -19.27 -7.24
C ALA B 194 7.00 -19.01 -6.49
N ALA B 195 6.29 -20.10 -6.20
CA ALA B 195 4.98 -20.06 -5.57
C ALA B 195 4.99 -20.84 -4.28
N TYR B 196 4.17 -20.37 -3.33
CA TYR B 196 3.95 -21.03 -2.05
C TYR B 196 2.48 -21.42 -2.02
N SER B 197 2.21 -22.70 -2.23
CA SER B 197 0.86 -23.23 -2.09
C SER B 197 0.60 -23.61 -0.63
N ARG B 198 -0.63 -23.39 -0.18
CA ARG B 198 -0.98 -23.70 1.20
C ARG B 198 -0.96 -25.21 1.43
N TYR B 199 -0.30 -25.63 2.51
CA TYR B 199 -0.16 -27.04 2.84
C TYR B 199 -1.23 -27.50 3.82
N ARG B 200 -1.25 -26.92 5.02
CA ARG B 200 -2.29 -27.25 5.99
C ARG B 200 -2.39 -26.13 7.02
N ILE B 201 -3.51 -26.13 7.73
CA ILE B 201 -3.82 -25.14 8.76
C ILE B 201 -3.88 -25.88 10.09
N GLY B 202 -3.04 -25.47 11.05
CA GLY B 202 -2.95 -26.16 12.32
C GLY B 202 -2.79 -25.19 13.48
N ASN B 203 -2.85 -25.76 14.68
CA ASN B 203 -2.50 -25.05 15.91
C ASN B 203 -2.15 -26.11 16.95
N TYR B 204 -0.85 -26.36 17.11
CA TYR B 204 -0.39 -27.45 17.97
C TYR B 204 -0.08 -26.94 19.38
#